data_7DCT
#
_entry.id   7DCT
#
_cell.length_a   85.559
_cell.length_b   94.710
_cell.length_c   142.259
_cell.angle_alpha   90.000
_cell.angle_beta   90.000
_cell.angle_gamma   90.000
#
_symmetry.space_group_name_H-M   'P 21 21 21'
#
loop_
_entity.id
_entity.type
_entity.pdbx_description
1 polymer 'Heat shock factor protein 1'
2 polymer "DNA (5'-D(*TP*GP*TP*GP*CP*GP*TP*TP*CP*TP*AP*GP*AP*AP*TP*AP*TP*TP*CP*GP*CP*GP*AP*G)-3')"
3 polymer "DNA (5'-D(*AP*CP*TP*CP*GP*CP*GP*AP*AP*TP*AP*TP*TP*CP*TP*AP*GP*AP*AP*CP*GP*CP*AP*C)-3')"
4 non-polymer 'SODIUM ION'
5 water water
#
loop_
_entity_poly.entity_id
_entity_poly.type
_entity_poly.pdbx_seq_one_letter_code
_entity_poly.pdbx_strand_id
1 'polypeptide(L)'
;GHHHHHHVPAFLTKLWTLVSDPDTDALICWSPSGNSFHVFDQGQFAKEVLPKYFKHNNMASFVRQLNMYGFRKVVHIEQG
GLVKPERDDTEFQHPCFLRGQEQLLENIKRKVT
;
A,B,C,D,E,F
2 'polydeoxyribonucleotide'
;(DT)(DG)(DT)(DG)(DC)(DG)(DT)(DT)(DC)(DT)(DA)(DG)(DA)(DA)(DT)(DA)(DT)(DT)(DC)(DG)
(DC)(DG)(DA)(DG)
;
G,I
3 'polydeoxyribonucleotide'
;(DA)(DC)(DT)(DC)(DG)(DC)(DG)(DA)(DA)(DT)(DA)(DT)(DT)(DC)(DT)(DA)(DG)(DA)(DA)(DC)
(DG)(DC)(DA)(DC)
;
H,J
#
loop_
_chem_comp.id
_chem_comp.type
_chem_comp.name
_chem_comp.formula
DA DNA linking 2'-DEOXYADENOSINE-5'-MONOPHOSPHATE 'C10 H14 N5 O6 P'
DC DNA linking 2'-DEOXYCYTIDINE-5'-MONOPHOSPHATE 'C9 H14 N3 O7 P'
DG DNA linking 2'-DEOXYGUANOSINE-5'-MONOPHOSPHATE 'C10 H14 N5 O7 P'
DT DNA linking THYMIDINE-5'-MONOPHOSPHATE 'C10 H15 N2 O8 P'
NA non-polymer 'SODIUM ION' 'Na 1'
#
# COMPACT_ATOMS: atom_id res chain seq x y z
N HIS A 7 4.73 -31.53 -6.66
CA HIS A 7 5.29 -31.68 -8.01
C HIS A 7 4.49 -32.71 -8.80
N VAL A 8 3.90 -33.69 -8.12
CA VAL A 8 3.00 -34.64 -8.77
C VAL A 8 1.66 -33.95 -9.03
N PRO A 9 1.19 -33.91 -10.28
CA PRO A 9 -0.06 -33.22 -10.58
C PRO A 9 -1.24 -33.81 -9.83
N ALA A 10 -2.23 -32.95 -9.58
CA ALA A 10 -3.39 -33.34 -8.77
C ALA A 10 -4.09 -34.57 -9.34
N PHE A 11 -4.14 -34.69 -10.68
CA PHE A 11 -4.87 -35.78 -11.29
C PHE A 11 -4.32 -37.14 -10.85
N LEU A 12 -2.99 -37.27 -10.77
CA LEU A 12 -2.44 -38.58 -10.44
C LEU A 12 -2.64 -38.92 -8.98
N THR A 13 -2.48 -37.94 -8.08
CA THR A 13 -2.70 -38.22 -6.66
C THR A 13 -4.17 -38.51 -6.38
N LYS A 14 -5.08 -37.77 -7.03
CA LYS A 14 -6.49 -38.04 -6.84
C LYS A 14 -6.87 -39.40 -7.43
N LEU A 15 -6.35 -39.73 -8.62
CA LEU A 15 -6.68 -41.01 -9.24
C LEU A 15 -6.18 -42.17 -8.41
N TRP A 16 -4.94 -42.09 -7.93
CA TRP A 16 -4.43 -43.15 -7.07
C TRP A 16 -5.30 -43.30 -5.83
N THR A 17 -5.66 -42.18 -5.22
CA THR A 17 -6.49 -42.21 -4.01
C THR A 17 -7.86 -42.82 -4.27
N LEU A 18 -8.55 -42.38 -5.33
CA LEU A 18 -9.91 -42.88 -5.57
C LEU A 18 -9.90 -44.35 -5.92
N VAL A 19 -8.92 -44.80 -6.70
CA VAL A 19 -8.83 -46.23 -7.01
C VAL A 19 -8.56 -47.04 -5.75
N SER A 20 -7.63 -46.58 -4.90
CA SER A 20 -7.24 -47.34 -3.71
C SER A 20 -8.36 -47.39 -2.68
N ASP A 21 -9.25 -46.40 -2.68
CA ASP A 21 -10.31 -46.30 -1.69
C ASP A 21 -11.19 -47.56 -1.69
N PRO A 22 -11.24 -48.30 -0.58
CA PRO A 22 -12.13 -49.49 -0.54
C PRO A 22 -13.61 -49.14 -0.60
N ASP A 23 -14.00 -47.87 -0.39
CA ASP A 23 -15.39 -47.47 -0.55
C ASP A 23 -15.88 -47.63 -1.98
N THR A 24 -15.03 -47.33 -2.94
CA THR A 24 -15.41 -47.19 -4.33
C THR A 24 -15.15 -48.44 -5.13
N ASP A 25 -14.62 -49.49 -4.49
CA ASP A 25 -14.21 -50.70 -5.20
C ASP A 25 -15.37 -51.35 -5.96
N ALA A 26 -16.62 -51.03 -5.62
CA ALA A 26 -17.75 -51.52 -6.40
C ALA A 26 -17.82 -50.87 -7.77
N LEU A 27 -17.22 -49.69 -7.93
CA LEU A 27 -17.22 -48.95 -9.18
C LEU A 27 -15.83 -48.81 -9.79
N ILE A 28 -14.79 -48.72 -8.97
CA ILE A 28 -13.42 -48.58 -9.45
C ILE A 28 -12.48 -49.19 -8.44
N CYS A 29 -11.61 -50.08 -8.90
CA CYS A 29 -10.73 -50.80 -8.00
C CYS A 29 -9.52 -51.33 -8.78
N TRP A 30 -8.50 -51.73 -8.04
CA TRP A 30 -7.33 -52.35 -8.64
C TRP A 30 -7.69 -53.73 -9.19
N SER A 31 -6.93 -54.15 -10.18
CA SER A 31 -7.00 -55.54 -10.61
C SER A 31 -6.33 -56.42 -9.54
N PRO A 32 -6.59 -57.73 -9.56
CA PRO A 32 -5.92 -58.60 -8.57
C PRO A 32 -4.41 -58.43 -8.53
N SER A 33 -3.75 -58.31 -9.68
CA SER A 33 -2.30 -58.13 -9.70
C SER A 33 -1.88 -56.75 -9.20
N GLY A 34 -2.78 -55.77 -9.24
CA GLY A 34 -2.46 -54.43 -8.81
C GLY A 34 -1.64 -53.62 -9.79
N ASN A 35 -1.57 -54.06 -11.04
CA ASN A 35 -0.85 -53.35 -12.09
C ASN A 35 -1.77 -52.61 -13.05
N SER A 36 -3.07 -52.61 -12.78
CA SER A 36 -4.09 -51.93 -13.59
C SER A 36 -5.31 -51.73 -12.70
N PHE A 37 -6.26 -50.93 -13.20
CA PHE A 37 -7.50 -50.69 -12.47
C PHE A 37 -8.71 -50.81 -13.40
N HIS A 38 -9.85 -51.17 -12.80
CA HIS A 38 -11.11 -51.38 -13.50
C HIS A 38 -12.13 -50.33 -13.10
N VAL A 39 -12.98 -49.97 -14.06
CA VAL A 39 -14.13 -49.13 -13.80
C VAL A 39 -15.37 -49.95 -14.17
N PHE A 40 -16.24 -50.19 -13.18
CA PHE A 40 -17.49 -50.88 -13.40
C PHE A 40 -18.63 -49.87 -13.37
N ASP A 41 -19.58 -50.01 -14.31
CA ASP A 41 -20.73 -49.12 -14.40
C ASP A 41 -20.27 -47.66 -14.43
N GLN A 42 -19.70 -47.25 -15.56
CA GLN A 42 -19.21 -45.89 -15.69
C GLN A 42 -20.32 -44.84 -15.53
N GLY A 43 -21.58 -45.16 -15.89
CA GLY A 43 -22.66 -44.21 -15.65
C GLY A 43 -22.70 -43.75 -14.21
N GLN A 44 -22.78 -44.70 -13.27
CA GLN A 44 -22.81 -44.39 -11.83
C GLN A 44 -21.44 -43.93 -11.34
N PHE A 45 -20.35 -44.43 -11.94
CA PHE A 45 -19.03 -43.94 -11.58
C PHE A 45 -18.90 -42.47 -11.93
N ALA A 46 -19.31 -42.09 -13.14
CA ALA A 46 -19.21 -40.69 -13.56
C ALA A 46 -20.17 -39.82 -12.76
N LYS A 47 -21.33 -40.35 -12.41
CA LYS A 47 -22.29 -39.51 -11.73
C LYS A 47 -21.95 -39.37 -10.26
N GLU A 48 -21.28 -40.34 -9.66
CA GLU A 48 -21.18 -40.19 -8.22
C GLU A 48 -19.75 -39.98 -7.74
N VAL A 49 -18.76 -40.57 -8.39
CA VAL A 49 -17.39 -40.57 -7.92
C VAL A 49 -16.61 -39.39 -8.47
N LEU A 50 -16.65 -39.19 -9.79
CA LEU A 50 -15.86 -38.13 -10.42
C LEU A 50 -16.08 -36.74 -9.83
N PRO A 51 -17.32 -36.26 -9.63
CA PRO A 51 -17.47 -34.89 -9.10
C PRO A 51 -17.00 -34.71 -7.68
N LYS A 52 -16.71 -35.79 -6.95
CA LYS A 52 -16.13 -35.66 -5.61
C LYS A 52 -14.64 -35.40 -5.64
N TYR A 53 -13.99 -35.60 -6.80
CA TYR A 53 -12.56 -35.37 -6.94
C TYR A 53 -12.21 -34.32 -7.99
N PHE A 54 -13.01 -34.18 -9.04
CA PHE A 54 -12.74 -33.27 -10.15
C PHE A 54 -13.90 -32.29 -10.30
N LYS A 55 -13.72 -31.30 -11.17
CA LYS A 55 -14.74 -30.29 -11.41
C LYS A 55 -15.70 -30.70 -12.53
N HIS A 56 -16.06 -31.98 -12.60
CA HIS A 56 -16.91 -32.46 -13.68
C HIS A 56 -17.45 -33.83 -13.28
N ASN A 57 -18.36 -34.34 -14.12
CA ASN A 57 -18.85 -35.69 -13.94
C ASN A 57 -18.91 -36.44 -15.27
N ASN A 58 -17.94 -36.20 -16.16
CA ASN A 58 -17.92 -36.82 -17.49
C ASN A 58 -16.82 -37.88 -17.55
N MET A 59 -17.21 -39.09 -17.96
CA MET A 59 -16.21 -40.13 -18.12
C MET A 59 -15.25 -39.77 -19.25
N ALA A 60 -15.76 -39.10 -20.28
CA ALA A 60 -14.90 -38.67 -21.38
C ALA A 60 -13.81 -37.72 -20.91
N SER A 61 -14.11 -36.82 -19.96
CA SER A 61 -13.06 -35.93 -19.47
C SER A 61 -12.08 -36.68 -18.57
N PHE A 62 -12.55 -37.72 -17.88
CA PHE A 62 -11.64 -38.59 -17.13
C PHE A 62 -10.75 -39.40 -18.07
N VAL A 63 -11.34 -39.97 -19.13
CA VAL A 63 -10.58 -40.77 -20.09
C VAL A 63 -9.53 -39.91 -20.80
N ARG A 64 -9.90 -38.68 -21.18
CA ARG A 64 -8.94 -37.79 -21.84
C ARG A 64 -7.72 -37.54 -20.97
N GLN A 65 -7.92 -37.36 -19.67
CA GLN A 65 -6.77 -37.14 -18.78
C GLN A 65 -5.93 -38.40 -18.65
N LEU A 66 -6.58 -39.55 -18.58
CA LEU A 66 -5.84 -40.81 -18.55
C LEU A 66 -4.87 -40.89 -19.72
N ASN A 67 -5.34 -40.54 -20.92
CA ASN A 67 -4.44 -40.56 -22.08
C ASN A 67 -3.38 -39.47 -22.01
N MET A 68 -3.71 -38.29 -21.47
CA MET A 68 -2.70 -37.23 -21.36
C MET A 68 -1.55 -37.66 -20.45
N TYR A 69 -1.81 -38.56 -19.50
CA TYR A 69 -0.77 -39.01 -18.61
C TYR A 69 -0.18 -40.35 -19.05
N GLY A 70 -0.44 -40.77 -20.28
CA GLY A 70 0.17 -41.98 -20.79
C GLY A 70 -0.48 -43.28 -20.38
N PHE A 71 -1.67 -43.24 -19.78
CA PHE A 71 -2.39 -44.48 -19.51
C PHE A 71 -2.89 -45.07 -20.82
N ARG A 72 -3.03 -46.39 -20.84
CA ARG A 72 -3.53 -47.07 -22.02
C ARG A 72 -4.66 -48.01 -21.62
N LYS A 73 -5.64 -48.13 -22.52
CA LYS A 73 -6.78 -49.02 -22.27
C LYS A 73 -6.36 -50.43 -22.68
N VAL A 74 -6.57 -51.39 -21.79
CA VAL A 74 -6.29 -52.78 -22.13
C VAL A 74 -7.57 -53.39 -22.71
N VAL A 75 -7.43 -54.04 -23.86
CA VAL A 75 -8.57 -54.55 -24.59
C VAL A 75 -8.88 -55.97 -24.13
N HIS A 76 -10.17 -56.25 -23.89
CA HIS A 76 -10.60 -57.57 -23.39
C HIS A 76 -11.02 -58.49 -24.53
N ASP A 89 -14.94 -54.44 -16.50
CA ASP A 89 -15.63 -53.82 -17.63
C ASP A 89 -14.70 -52.93 -18.44
N THR A 90 -14.22 -51.85 -17.83
CA THR A 90 -13.28 -50.93 -18.47
C THR A 90 -11.98 -50.93 -17.69
N GLU A 91 -10.88 -51.25 -18.37
CA GLU A 91 -9.58 -51.43 -17.73
C GLU A 91 -8.53 -50.52 -18.36
N PHE A 92 -7.79 -49.82 -17.51
CA PHE A 92 -6.72 -48.93 -17.91
C PHE A 92 -5.47 -49.29 -17.13
N GLN A 93 -4.29 -48.98 -17.66
CA GLN A 93 -3.06 -49.36 -16.99
C GLN A 93 -2.00 -48.27 -17.24
N HIS A 94 -1.12 -48.04 -16.26
CA HIS A 94 0.15 -47.36 -16.52
C HIS A 94 1.27 -48.05 -15.74
N PRO A 95 2.45 -48.25 -16.37
CA PRO A 95 3.55 -48.99 -15.68
C PRO A 95 3.94 -48.39 -14.36
N CYS A 96 3.72 -47.09 -14.13
CA CYS A 96 4.07 -46.46 -12.87
C CYS A 96 2.84 -46.20 -12.02
N PHE A 97 1.73 -46.85 -12.32
CA PHE A 97 0.50 -46.75 -11.54
C PHE A 97 0.23 -48.13 -10.93
N LEU A 98 0.82 -48.39 -9.77
CA LEU A 98 0.79 -49.71 -9.14
C LEU A 98 0.28 -49.60 -7.71
N ARG A 99 -0.50 -50.59 -7.29
CA ARG A 99 -1.02 -50.62 -5.92
C ARG A 99 0.10 -50.62 -4.88
N GLY A 100 0.01 -49.72 -3.92
CA GLY A 100 0.99 -49.64 -2.87
C GLY A 100 2.28 -48.93 -3.22
N GLN A 101 2.35 -48.26 -4.38
CA GLN A 101 3.55 -47.58 -4.85
C GLN A 101 3.19 -46.15 -5.31
N GLU A 102 2.62 -45.37 -4.38
CA GLU A 102 2.25 -43.99 -4.70
C GLU A 102 3.48 -43.19 -5.12
N GLN A 103 4.65 -43.61 -4.66
CA GLN A 103 5.90 -42.94 -4.98
C GLN A 103 6.25 -43.06 -6.45
N LEU A 104 5.75 -44.07 -7.15
CA LEU A 104 6.07 -44.21 -8.57
C LEU A 104 5.31 -43.23 -9.46
N LEU A 105 4.25 -42.58 -8.95
CA LEU A 105 3.54 -41.58 -9.74
C LEU A 105 4.46 -40.42 -10.12
N GLU A 106 5.58 -40.29 -9.42
CA GLU A 106 6.55 -39.23 -9.62
C GLU A 106 7.10 -39.25 -11.03
N ASN A 107 7.08 -40.43 -11.64
CA ASN A 107 7.60 -40.72 -12.97
C ASN A 107 6.57 -40.54 -14.08
N ILE A 108 5.29 -40.52 -13.74
CA ILE A 108 4.25 -40.30 -14.76
C ILE A 108 4.20 -38.82 -15.07
N LYS A 109 4.47 -38.48 -16.32
CA LYS A 109 4.58 -37.09 -16.73
C LYS A 109 3.62 -36.79 -17.88
N ARG A 110 3.03 -35.61 -17.82
CA ARG A 110 1.91 -35.26 -18.69
C ARG A 110 2.38 -34.83 -20.08
N LYS A 111 1.58 -35.18 -21.09
CA LYS A 111 1.96 -34.87 -22.46
C LYS A 111 1.94 -33.36 -22.67
N VAL A 112 2.85 -32.88 -23.50
CA VAL A 112 2.92 -31.47 -23.86
C VAL A 112 1.69 -31.12 -24.71
N HIS B 7 -28.57 -45.57 -50.05
CA HIS B 7 -28.34 -44.18 -50.44
C HIS B 7 -27.90 -43.36 -49.24
N VAL B 8 -28.87 -42.93 -48.45
CA VAL B 8 -28.57 -42.26 -47.17
C VAL B 8 -27.88 -43.27 -46.26
N PRO B 9 -26.71 -42.98 -45.71
CA PRO B 9 -26.02 -43.96 -44.87
C PRO B 9 -26.87 -44.39 -43.68
N ALA B 10 -26.60 -45.61 -43.21
CA ALA B 10 -27.40 -46.22 -42.16
C ALA B 10 -27.45 -45.36 -40.90
N PHE B 11 -26.36 -44.68 -40.59
CA PHE B 11 -26.34 -43.92 -39.35
C PHE B 11 -27.41 -42.83 -39.33
N LEU B 12 -27.64 -42.16 -40.46
CA LEU B 12 -28.57 -41.04 -40.47
C LEU B 12 -30.02 -41.50 -40.44
N THR B 13 -30.35 -42.57 -41.16
CA THR B 13 -31.72 -43.06 -41.10
C THR B 13 -32.04 -43.62 -39.71
N LYS B 14 -31.09 -44.32 -39.09
CA LYS B 14 -31.35 -44.83 -37.76
C LYS B 14 -31.44 -43.68 -36.75
N LEU B 15 -30.55 -42.70 -36.87
CA LEU B 15 -30.61 -41.58 -35.94
C LEU B 15 -31.93 -40.84 -36.10
N TRP B 16 -32.36 -40.59 -37.35
CA TRP B 16 -33.65 -39.95 -37.58
C TRP B 16 -34.79 -40.74 -36.97
N THR B 17 -34.82 -42.05 -37.24
CA THR B 17 -35.87 -42.90 -36.68
C THR B 17 -35.80 -42.91 -35.17
N LEU B 18 -34.59 -42.99 -34.63
CA LEU B 18 -34.40 -43.04 -33.19
C LEU B 18 -34.89 -41.77 -32.51
N VAL B 19 -34.60 -40.61 -33.09
CA VAL B 19 -35.07 -39.35 -32.52
C VAL B 19 -36.59 -39.25 -32.65
N SER B 20 -37.13 -39.58 -33.82
CA SER B 20 -38.56 -39.40 -34.07
C SER B 20 -39.42 -40.37 -33.27
N ASP B 21 -38.90 -41.55 -32.95
CA ASP B 21 -39.69 -42.58 -32.28
C ASP B 21 -40.23 -42.06 -30.94
N PRO B 22 -41.55 -41.96 -30.77
CA PRO B 22 -42.09 -41.45 -29.50
C PRO B 22 -41.85 -42.36 -28.31
N ASP B 23 -41.56 -43.65 -28.53
CA ASP B 23 -41.29 -44.54 -27.40
C ASP B 23 -39.97 -44.23 -26.70
N THR B 24 -39.05 -43.57 -27.40
CA THR B 24 -37.74 -43.25 -26.86
C THR B 24 -37.65 -41.82 -26.35
N ASP B 25 -38.73 -41.04 -26.46
CA ASP B 25 -38.69 -39.61 -26.13
C ASP B 25 -38.27 -39.33 -24.69
N ALA B 26 -38.35 -40.32 -23.79
CA ALA B 26 -37.83 -40.13 -22.45
C ALA B 26 -36.31 -40.07 -22.44
N LEU B 27 -35.65 -40.65 -23.45
CA LEU B 27 -34.20 -40.68 -23.52
C LEU B 27 -33.63 -39.92 -24.72
N ILE B 28 -34.34 -39.82 -25.83
CA ILE B 28 -33.86 -39.08 -26.99
C ILE B 28 -35.06 -38.58 -27.78
N CYS B 29 -35.11 -37.26 -28.03
CA CYS B 29 -36.26 -36.66 -28.67
C CYS B 29 -35.86 -35.36 -29.34
N TRP B 30 -36.73 -34.86 -30.20
CA TRP B 30 -36.51 -33.56 -30.81
C TRP B 30 -36.66 -32.46 -29.78
N SER B 31 -35.99 -31.34 -30.03
CA SER B 31 -36.26 -30.14 -29.27
C SER B 31 -37.62 -29.60 -29.72
N PRO B 32 -38.24 -28.72 -28.92
CA PRO B 32 -39.53 -28.13 -29.36
C PRO B 32 -39.48 -27.51 -30.75
N SER B 33 -38.39 -26.81 -31.09
CA SER B 33 -38.25 -26.21 -32.41
C SER B 33 -38.06 -27.24 -33.51
N GLY B 34 -37.62 -28.45 -33.17
CA GLY B 34 -37.39 -29.46 -34.20
C GLY B 34 -36.11 -29.27 -34.99
N ASN B 35 -35.20 -28.43 -34.53
CA ASN B 35 -33.92 -28.19 -35.20
C ASN B 35 -32.74 -28.82 -34.49
N SER B 36 -32.98 -29.58 -33.43
CA SER B 36 -31.93 -30.23 -32.67
C SER B 36 -32.56 -31.40 -31.93
N PHE B 37 -31.72 -32.24 -31.33
CA PHE B 37 -32.24 -33.32 -30.52
C PHE B 37 -31.50 -33.40 -29.20
N HIS B 38 -32.19 -33.93 -28.20
CA HIS B 38 -31.68 -34.04 -26.85
C HIS B 38 -31.49 -35.51 -26.49
N VAL B 39 -30.45 -35.79 -25.71
CA VAL B 39 -30.23 -37.10 -25.12
C VAL B 39 -30.28 -36.91 -23.62
N PHE B 40 -31.22 -37.58 -22.96
CA PHE B 40 -31.35 -37.52 -21.51
C PHE B 40 -30.84 -38.79 -20.87
N ASP B 41 -30.13 -38.62 -19.76
CA ASP B 41 -29.53 -39.75 -19.04
C ASP B 41 -28.68 -40.55 -20.02
N GLN B 42 -27.48 -40.04 -20.30
CA GLN B 42 -26.59 -40.71 -21.25
C GLN B 42 -26.37 -42.16 -20.84
N GLY B 43 -26.30 -42.42 -19.54
CA GLY B 43 -26.08 -43.77 -19.06
C GLY B 43 -27.14 -44.75 -19.53
N GLN B 44 -28.41 -44.41 -19.34
CA GLN B 44 -29.44 -45.35 -19.75
C GLN B 44 -29.53 -45.40 -21.28
N PHE B 45 -29.30 -44.27 -21.93
CA PHE B 45 -29.42 -44.21 -23.38
C PHE B 45 -28.41 -45.13 -24.05
N ALA B 46 -27.15 -45.04 -23.62
CA ALA B 46 -26.10 -45.86 -24.21
C ALA B 46 -26.35 -47.34 -23.93
N LYS B 47 -26.83 -47.66 -22.73
CA LYS B 47 -26.96 -49.05 -22.37
C LYS B 47 -28.24 -49.68 -22.90
N GLU B 48 -29.29 -48.89 -23.07
CA GLU B 48 -30.61 -49.39 -23.41
C GLU B 48 -31.03 -49.12 -24.85
N VAL B 49 -30.70 -47.97 -25.40
CA VAL B 49 -31.22 -47.53 -26.70
C VAL B 49 -30.25 -47.83 -27.84
N LEU B 50 -28.99 -47.43 -27.70
CA LEU B 50 -28.00 -47.62 -28.77
C LEU B 50 -27.89 -49.04 -29.30
N PRO B 51 -27.79 -50.09 -28.45
CA PRO B 51 -27.61 -51.44 -29.02
C PRO B 51 -28.79 -51.95 -29.83
N LYS B 52 -29.93 -51.25 -29.81
CA LYS B 52 -31.04 -51.69 -30.63
C LYS B 52 -30.92 -51.22 -32.08
N TYR B 53 -30.00 -50.29 -32.36
CA TYR B 53 -29.80 -49.78 -33.70
C TYR B 53 -28.39 -49.99 -34.21
N PHE B 54 -27.40 -50.00 -33.33
CA PHE B 54 -25.99 -50.11 -33.70
C PHE B 54 -25.37 -51.31 -32.99
N LYS B 55 -24.16 -51.65 -33.42
CA LYS B 55 -23.40 -52.79 -32.90
C LYS B 55 -22.53 -52.41 -31.71
N HIS B 56 -23.03 -51.57 -30.82
CA HIS B 56 -22.28 -51.12 -29.65
C HIS B 56 -23.26 -50.52 -28.67
N ASN B 57 -22.75 -50.22 -27.47
CA ASN B 57 -23.54 -49.52 -26.45
C ASN B 57 -22.72 -48.43 -25.80
N ASN B 58 -21.86 -47.76 -26.57
CA ASN B 58 -21.00 -46.72 -26.04
C ASN B 58 -21.45 -45.36 -26.55
N MET B 59 -21.63 -44.42 -25.62
CA MET B 59 -22.03 -43.09 -26.04
C MET B 59 -20.93 -42.43 -26.84
N ALA B 60 -19.67 -42.71 -26.49
CA ALA B 60 -18.54 -42.11 -27.21
C ALA B 60 -18.52 -42.50 -28.69
N SER B 61 -18.91 -43.74 -29.03
CA SER B 61 -18.95 -44.17 -30.42
C SER B 61 -20.13 -43.54 -31.16
N PHE B 62 -21.22 -43.27 -30.46
CA PHE B 62 -22.34 -42.51 -31.01
C PHE B 62 -21.92 -41.05 -31.21
N VAL B 63 -21.23 -40.48 -30.23
CA VAL B 63 -20.77 -39.10 -30.35
C VAL B 63 -19.78 -38.95 -31.49
N ARG B 64 -18.84 -39.90 -31.62
CA ARG B 64 -17.86 -39.83 -32.70
C ARG B 64 -18.55 -39.81 -34.07
N GLN B 65 -19.60 -40.61 -34.23
CA GLN B 65 -20.32 -40.62 -35.49
C GLN B 65 -21.05 -39.29 -35.70
N LEU B 66 -21.63 -38.73 -34.65
CA LEU B 66 -22.29 -37.43 -34.78
C LEU B 66 -21.34 -36.38 -35.34
N ASN B 67 -20.11 -36.34 -34.83
CA ASN B 67 -19.13 -35.40 -35.35
C ASN B 67 -18.69 -35.76 -36.77
N MET B 68 -18.64 -37.06 -37.12
CA MET B 68 -18.26 -37.43 -38.49
C MET B 68 -19.24 -36.92 -39.53
N TYR B 69 -20.51 -36.76 -39.16
CA TYR B 69 -21.54 -36.28 -40.06
C TYR B 69 -21.80 -34.80 -39.89
N GLY B 70 -20.92 -34.08 -39.20
CA GLY B 70 -21.01 -32.64 -39.07
C GLY B 70 -21.96 -32.13 -38.00
N PHE B 71 -22.52 -33.01 -37.17
CA PHE B 71 -23.31 -32.54 -36.04
C PHE B 71 -22.40 -31.83 -35.06
N ARG B 72 -22.95 -30.86 -34.34
CA ARG B 72 -22.24 -30.10 -33.35
C ARG B 72 -23.03 -30.08 -32.06
N LYS B 73 -22.32 -30.03 -30.94
CA LYS B 73 -22.99 -30.04 -29.64
C LYS B 73 -23.48 -28.63 -29.34
N VAL B 74 -24.73 -28.53 -28.91
CA VAL B 74 -25.32 -27.24 -28.53
C VAL B 74 -24.96 -26.97 -27.08
N VAL B 75 -24.38 -25.81 -26.82
CA VAL B 75 -23.98 -25.46 -25.46
C VAL B 75 -25.11 -24.67 -24.82
N HIS B 76 -25.59 -25.15 -23.68
CA HIS B 76 -26.56 -24.44 -22.85
C HIS B 76 -25.79 -23.51 -21.92
N ILE B 77 -26.28 -22.28 -21.74
CA ILE B 77 -25.50 -21.30 -20.97
C ILE B 77 -25.48 -21.60 -19.47
N GLU B 78 -26.30 -22.54 -19.00
CA GLU B 78 -26.33 -22.86 -17.58
C GLU B 78 -25.34 -23.95 -17.19
N GLN B 79 -24.90 -24.80 -18.13
CA GLN B 79 -23.79 -25.69 -17.80
C GLN B 79 -22.51 -24.87 -17.70
N GLY B 80 -21.52 -25.46 -17.04
CA GLY B 80 -20.26 -24.76 -16.80
C GLY B 80 -20.05 -24.33 -15.37
N GLY B 81 -21.07 -24.41 -14.51
CA GLY B 81 -20.92 -24.14 -13.10
C GLY B 81 -20.70 -25.40 -12.28
N LEU B 82 -20.33 -25.18 -11.02
CA LEU B 82 -20.11 -26.30 -10.11
C LEU B 82 -21.44 -26.92 -9.67
N VAL B 83 -22.46 -26.10 -9.50
CA VAL B 83 -23.78 -26.55 -9.09
C VAL B 83 -24.42 -27.41 -10.19
N ASP B 88 -28.84 -34.51 -16.61
CA ASP B 88 -28.09 -34.99 -17.77
C ASP B 88 -28.84 -34.69 -19.07
N ASP B 89 -28.38 -33.66 -19.79
CA ASP B 89 -29.03 -33.20 -21.01
C ASP B 89 -27.95 -32.83 -22.01
N THR B 90 -27.87 -33.60 -23.09
CA THR B 90 -26.89 -33.39 -24.15
C THR B 90 -27.66 -33.10 -25.43
N GLU B 91 -27.35 -31.98 -26.06
CA GLU B 91 -28.08 -31.56 -27.25
C GLU B 91 -27.13 -31.44 -28.44
N PHE B 92 -27.54 -31.98 -29.58
CA PHE B 92 -26.78 -31.90 -30.81
C PHE B 92 -27.65 -31.36 -31.94
N GLN B 93 -27.01 -30.78 -32.94
CA GLN B 93 -27.72 -30.16 -34.04
C GLN B 93 -26.91 -30.28 -35.32
N HIS B 94 -27.62 -30.37 -36.44
CA HIS B 94 -27.11 -30.27 -37.80
C HIS B 94 -28.13 -29.48 -38.60
N PRO B 95 -27.69 -28.54 -39.44
CA PRO B 95 -28.65 -27.74 -40.22
C PRO B 95 -29.59 -28.54 -41.10
N CYS B 96 -29.20 -29.74 -41.53
CA CYS B 96 -30.05 -30.56 -42.39
C CYS B 96 -30.69 -31.73 -41.64
N PHE B 97 -30.71 -31.67 -40.32
CA PHE B 97 -31.36 -32.67 -39.47
C PHE B 97 -32.52 -31.97 -38.78
N LEU B 98 -33.69 -31.94 -39.45
CA LEU B 98 -34.84 -31.18 -38.99
C LEU B 98 -36.07 -32.08 -38.91
N ARG B 99 -36.85 -31.92 -37.84
CA ARG B 99 -38.10 -32.66 -37.68
C ARG B 99 -39.03 -32.39 -38.85
N GLY B 100 -39.59 -33.47 -39.41
CA GLY B 100 -40.49 -33.33 -40.53
C GLY B 100 -39.82 -33.15 -41.86
N GLN B 101 -38.50 -33.31 -41.96
CA GLN B 101 -37.77 -33.10 -43.21
C GLN B 101 -36.81 -34.27 -43.46
N GLU B 102 -37.35 -35.49 -43.46
CA GLU B 102 -36.48 -36.67 -43.59
C GLU B 102 -35.70 -36.66 -44.89
N GLN B 103 -36.28 -36.12 -45.96
CA GLN B 103 -35.58 -36.11 -47.23
C GLN B 103 -34.32 -35.27 -47.19
N LEU B 104 -34.23 -34.35 -46.22
CA LEU B 104 -33.05 -33.49 -46.11
C LEU B 104 -31.83 -34.29 -45.67
N LEU B 105 -32.02 -35.53 -45.20
CA LEU B 105 -30.86 -36.34 -44.83
C LEU B 105 -29.94 -36.66 -46.01
N GLU B 106 -30.39 -36.59 -47.26
CA GLU B 106 -29.40 -36.73 -48.33
C GLU B 106 -28.38 -35.57 -48.33
N ASN B 107 -28.68 -34.41 -47.73
CA ASN B 107 -27.70 -33.33 -47.84
C ASN B 107 -26.61 -33.45 -46.79
N ILE B 108 -26.82 -34.22 -45.72
CA ILE B 108 -25.81 -34.50 -44.71
C ILE B 108 -24.89 -35.56 -45.24
N LYS B 109 -23.63 -35.27 -45.37
CA LYS B 109 -22.77 -36.33 -45.85
C LYS B 109 -21.45 -36.29 -45.12
N ARG B 110 -20.91 -37.49 -44.91
CA ARG B 110 -19.88 -37.84 -43.96
C ARG B 110 -18.47 -37.40 -44.39
N LYS B 111 -17.65 -37.08 -43.38
CA LYS B 111 -16.29 -36.63 -43.63
C LYS B 111 -15.45 -37.78 -44.17
N VAL B 112 -14.48 -37.45 -45.02
CA VAL B 112 -13.64 -38.46 -45.66
C VAL B 112 -12.28 -38.45 -45.00
N HIS C 7 -17.58 -17.37 -32.80
CA HIS C 7 -18.45 -17.67 -31.66
C HIS C 7 -17.91 -17.05 -30.37
N VAL C 8 -18.78 -16.38 -29.62
CA VAL C 8 -18.40 -15.69 -28.39
C VAL C 8 -18.20 -16.70 -27.25
N PRO C 9 -17.02 -16.71 -26.63
CA PRO C 9 -16.74 -17.68 -25.56
C PRO C 9 -17.71 -17.54 -24.38
N ALA C 10 -17.89 -18.65 -23.66
CA ALA C 10 -18.84 -18.69 -22.55
C ALA C 10 -18.51 -17.64 -21.49
N PHE C 11 -17.22 -17.35 -21.27
CA PHE C 11 -16.88 -16.43 -20.21
C PHE C 11 -17.51 -15.06 -20.42
N LEU C 12 -17.50 -14.55 -21.66
CA LEU C 12 -18.04 -13.22 -21.88
C LEU C 12 -19.55 -13.22 -21.83
N THR C 13 -20.17 -14.27 -22.35
CA THR C 13 -21.63 -14.37 -22.28
C THR C 13 -22.09 -14.46 -20.85
N LYS C 14 -21.38 -15.24 -20.03
CA LYS C 14 -21.72 -15.32 -18.62
C LYS C 14 -21.44 -14.00 -17.93
N LEU C 15 -20.34 -13.34 -18.30
CA LEU C 15 -20.03 -12.05 -17.68
C LEU C 15 -21.10 -11.02 -18.04
N TRP C 16 -21.50 -10.98 -19.32
CA TRP C 16 -22.57 -10.07 -19.73
C TRP C 16 -23.86 -10.31 -18.97
N THR C 17 -24.27 -11.58 -18.88
CA THR C 17 -25.49 -11.93 -18.18
C THR C 17 -25.42 -11.53 -16.71
N LEU C 18 -24.29 -11.84 -16.07
CA LEU C 18 -24.13 -11.59 -14.65
C LEU C 18 -24.13 -10.09 -14.35
N VAL C 19 -23.41 -9.31 -15.15
CA VAL C 19 -23.41 -7.87 -14.94
C VAL C 19 -24.78 -7.27 -15.21
N SER C 20 -25.40 -7.64 -16.32
CA SER C 20 -26.66 -7.03 -16.75
C SER C 20 -27.83 -7.40 -15.86
N ASP C 21 -27.79 -8.58 -15.26
CA ASP C 21 -28.91 -9.09 -14.47
C ASP C 21 -29.21 -8.16 -13.30
N PRO C 22 -30.41 -7.56 -13.23
CA PRO C 22 -30.72 -6.68 -12.09
C PRO C 22 -30.82 -7.39 -10.75
N ASP C 23 -31.06 -8.71 -10.71
CA ASP C 23 -31.15 -9.41 -9.42
C ASP C 23 -29.81 -9.52 -8.70
N THR C 24 -28.69 -9.44 -9.41
CA THR C 24 -27.35 -9.57 -8.83
C THR C 24 -26.70 -8.21 -8.58
N ASP C 25 -27.40 -7.10 -8.84
CA ASP C 25 -26.80 -5.77 -8.81
C ASP C 25 -26.20 -5.41 -7.45
N ALA C 26 -26.62 -6.06 -6.36
CA ALA C 26 -25.99 -5.81 -5.06
C ALA C 26 -24.58 -6.38 -5.00
N LEU C 27 -24.25 -7.34 -5.88
CA LEU C 27 -22.92 -7.93 -5.91
C LEU C 27 -22.13 -7.61 -7.17
N ILE C 28 -22.78 -7.45 -8.32
CA ILE C 28 -22.08 -7.15 -9.56
C ILE C 28 -23.01 -6.38 -10.48
N CYS C 29 -22.58 -5.21 -10.95
CA CYS C 29 -23.48 -4.38 -11.75
C CYS C 29 -22.70 -3.38 -12.58
N TRP C 30 -23.39 -2.79 -13.56
CA TRP C 30 -22.80 -1.75 -14.38
C TRP C 30 -22.58 -0.50 -13.56
N SER C 31 -21.58 0.27 -13.96
CA SER C 31 -21.42 1.62 -13.44
C SER C 31 -22.50 2.53 -14.04
N PRO C 32 -22.76 3.68 -13.42
CA PRO C 32 -23.80 4.57 -13.97
C PRO C 32 -23.59 4.88 -15.44
N SER C 33 -22.34 5.12 -15.87
CA SER C 33 -22.08 5.38 -17.29
C SER C 33 -22.27 4.14 -18.15
N GLY C 34 -22.18 2.95 -17.58
CA GLY C 34 -22.32 1.74 -18.35
C GLY C 34 -21.11 1.35 -19.16
N ASN C 35 -19.94 1.93 -18.87
CA ASN C 35 -18.70 1.60 -19.56
C ASN C 35 -17.76 0.77 -18.69
N SER C 36 -18.24 0.35 -17.52
CA SER C 36 -17.45 -0.45 -16.60
C SER C 36 -18.42 -1.15 -15.66
N PHE C 37 -17.90 -2.13 -14.91
CA PHE C 37 -18.74 -2.83 -13.96
C PHE C 37 -18.05 -2.97 -12.62
N HIS C 38 -18.87 -3.09 -11.59
CA HIS C 38 -18.43 -3.17 -10.21
C HIS C 38 -18.74 -4.53 -9.63
N VAL C 39 -17.84 -5.02 -8.79
CA VAL C 39 -18.08 -6.19 -7.95
C VAL C 39 -18.03 -5.72 -6.51
N PHE C 40 -19.13 -5.89 -5.78
CA PHE C 40 -19.22 -5.53 -4.36
C PHE C 40 -19.17 -6.78 -3.50
N ASP C 41 -18.48 -6.69 -2.38
CA ASP C 41 -18.31 -7.79 -1.42
C ASP C 41 -17.83 -9.05 -2.15
N GLN C 42 -16.55 -8.98 -2.54
CA GLN C 42 -15.95 -10.05 -3.34
C GLN C 42 -16.09 -11.40 -2.62
N GLY C 43 -16.01 -11.38 -1.28
CA GLY C 43 -16.12 -12.62 -0.53
C GLY C 43 -17.42 -13.36 -0.78
N GLN C 44 -18.55 -12.68 -0.63
CA GLN C 44 -19.81 -13.37 -0.85
C GLN C 44 -20.05 -13.60 -2.33
N PHE C 45 -19.52 -12.74 -3.20
CA PHE C 45 -19.65 -12.94 -4.63
C PHE C 45 -18.93 -14.22 -5.06
N ALA C 46 -17.68 -14.39 -4.60
CA ALA C 46 -16.93 -15.57 -4.98
C ALA C 46 -17.55 -16.83 -4.40
N LYS C 47 -18.10 -16.72 -3.20
CA LYS C 47 -18.53 -17.90 -2.50
C LYS C 47 -19.90 -18.38 -2.97
N GLU C 48 -20.75 -17.45 -3.34
CA GLU C 48 -22.16 -17.67 -3.63
C GLU C 48 -22.53 -17.54 -5.10
N VAL C 49 -21.93 -16.62 -5.85
CA VAL C 49 -22.33 -16.35 -7.23
C VAL C 49 -21.47 -17.10 -8.23
N LEU C 50 -20.14 -17.00 -8.12
CA LEU C 50 -19.26 -17.64 -9.10
C LEU C 50 -19.54 -19.12 -9.29
N PRO C 51 -19.66 -19.96 -8.25
CA PRO C 51 -19.86 -21.40 -8.52
C PRO C 51 -21.20 -21.73 -9.17
N LYS C 52 -22.11 -20.78 -9.28
CA LYS C 52 -23.31 -21.00 -10.08
C LYS C 52 -23.08 -20.79 -11.57
N TYR C 53 -21.96 -20.17 -11.97
CA TYR C 53 -21.66 -19.92 -13.37
C TYR C 53 -20.37 -20.57 -13.85
N PHE C 54 -19.37 -20.72 -12.98
CA PHE C 54 -18.07 -21.26 -13.35
C PHE C 54 -17.73 -22.47 -12.49
N LYS C 55 -16.67 -23.17 -12.86
CA LYS C 55 -16.25 -24.36 -12.12
C LYS C 55 -15.32 -24.02 -10.96
N HIS C 56 -15.59 -22.93 -10.27
CA HIS C 56 -14.75 -22.50 -9.17
C HIS C 56 -15.52 -21.48 -8.34
N ASN C 57 -14.93 -21.14 -7.19
CA ASN C 57 -15.46 -20.12 -6.31
C ASN C 57 -14.34 -19.19 -5.89
N ASN C 58 -13.40 -18.96 -6.81
CA ASN C 58 -12.19 -18.20 -6.55
C ASN C 58 -12.24 -16.89 -7.33
N MET C 59 -12.12 -15.77 -6.61
CA MET C 59 -12.14 -14.47 -7.26
C MET C 59 -10.90 -14.25 -8.11
N ALA C 60 -9.75 -14.80 -7.70
CA ALA C 60 -8.54 -14.68 -8.50
C ALA C 60 -8.71 -15.33 -9.87
N SER C 61 -9.45 -16.43 -9.95
CA SER C 61 -9.65 -17.09 -11.25
C SER C 61 -10.61 -16.31 -12.14
N PHE C 62 -11.58 -15.61 -11.54
CA PHE C 62 -12.44 -14.72 -12.30
C PHE C 62 -11.64 -13.54 -12.82
N VAL C 63 -10.81 -12.95 -11.96
CA VAL C 63 -9.97 -11.82 -12.37
C VAL C 63 -8.98 -12.27 -13.44
N ARG C 64 -8.42 -13.47 -13.30
CA ARG C 64 -7.47 -13.97 -14.30
C ARG C 64 -8.12 -14.01 -15.68
N GLN C 65 -9.38 -14.45 -15.75
CA GLN C 65 -10.08 -14.47 -17.03
C GLN C 65 -10.35 -13.06 -17.52
N LEU C 66 -10.70 -12.14 -16.62
CA LEU C 66 -10.89 -10.76 -17.02
C LEU C 66 -9.65 -10.22 -17.73
N ASN C 67 -8.46 -10.48 -17.17
CA ASN C 67 -7.22 -10.05 -17.79
C ASN C 67 -6.96 -10.79 -19.10
N MET C 68 -7.35 -12.07 -19.15
CA MET C 68 -7.18 -12.85 -20.38
C MET C 68 -7.96 -12.25 -21.54
N TYR C 69 -9.09 -11.60 -21.25
CA TYR C 69 -9.88 -10.99 -22.29
C TYR C 69 -9.62 -9.50 -22.40
N GLY C 70 -8.53 -9.03 -21.79
CA GLY C 70 -8.14 -7.65 -21.95
C GLY C 70 -8.84 -6.65 -21.07
N PHE C 71 -9.63 -7.10 -20.10
CA PHE C 71 -10.15 -6.15 -19.13
C PHE C 71 -9.01 -5.66 -18.25
N ARG C 72 -9.15 -4.45 -17.77
CA ARG C 72 -8.17 -3.86 -16.87
C ARG C 72 -8.93 -3.28 -15.68
N LYS C 73 -8.26 -3.23 -14.54
CA LYS C 73 -8.86 -2.68 -13.34
C LYS C 73 -8.81 -1.16 -13.45
N VAL C 74 -9.91 -0.51 -13.15
CA VAL C 74 -9.92 0.95 -13.14
C VAL C 74 -9.54 1.43 -11.74
N VAL C 75 -8.54 2.31 -11.66
CA VAL C 75 -8.05 2.82 -10.39
C VAL C 75 -8.70 4.16 -10.06
N ASP C 88 -15.94 -4.25 0.13
CA ASP C 88 -15.01 -3.72 -0.86
C ASP C 88 -15.73 -3.34 -2.17
N ASP C 89 -14.94 -2.80 -3.10
CA ASP C 89 -15.46 -2.31 -4.39
C ASP C 89 -14.35 -2.44 -5.42
N THR C 90 -14.53 -3.33 -6.38
CA THR C 90 -13.56 -3.55 -7.44
C THR C 90 -14.22 -3.26 -8.78
N GLU C 91 -13.58 -2.41 -9.59
CA GLU C 91 -14.14 -1.97 -10.86
C GLU C 91 -13.24 -2.42 -12.01
N PHE C 92 -13.86 -2.96 -13.05
CA PHE C 92 -13.16 -3.42 -14.24
C PHE C 92 -13.77 -2.78 -15.48
N GLN C 93 -12.96 -2.69 -16.52
CA GLN C 93 -13.32 -2.00 -17.74
C GLN C 93 -12.72 -2.71 -18.95
N HIS C 94 -13.47 -2.71 -20.05
CA HIS C 94 -12.99 -3.10 -21.38
C HIS C 94 -13.67 -2.17 -22.38
N PRO C 95 -12.94 -1.67 -23.38
CA PRO C 95 -13.55 -0.75 -24.36
C PRO C 95 -14.77 -1.31 -25.10
N CYS C 96 -14.86 -2.64 -25.27
CA CYS C 96 -15.99 -3.25 -25.95
C CYS C 96 -16.96 -3.95 -25.01
N PHE C 97 -16.91 -3.65 -23.73
CA PHE C 97 -17.84 -4.19 -22.75
C PHE C 97 -18.69 -3.01 -22.25
N LEU C 98 -19.77 -2.71 -22.98
CA LEU C 98 -20.58 -1.53 -22.73
C LEU C 98 -22.05 -1.89 -22.54
N ARG C 99 -22.69 -1.24 -21.58
CA ARG C 99 -24.12 -1.44 -21.39
C ARG C 99 -24.87 -1.11 -22.65
N GLY C 100 -25.77 -2.01 -23.05
CA GLY C 100 -26.56 -1.76 -24.23
C GLY C 100 -25.86 -2.04 -25.54
N GLN C 101 -24.71 -2.69 -25.53
CA GLN C 101 -23.99 -2.98 -26.76
C GLN C 101 -23.51 -4.44 -26.72
N GLU C 102 -24.46 -5.35 -26.52
CA GLU C 102 -24.12 -6.76 -26.38
C GLU C 102 -23.43 -7.33 -27.61
N GLN C 103 -23.76 -6.79 -28.80
CA GLN C 103 -23.15 -7.30 -30.02
C GLN C 103 -21.65 -7.04 -30.07
N LEU C 104 -21.13 -6.09 -29.29
CA LEU C 104 -19.70 -5.80 -29.27
C LEU C 104 -18.87 -6.87 -28.60
N LEU C 105 -19.48 -7.81 -27.86
CA LEU C 105 -18.68 -8.86 -27.26
C LEU C 105 -17.97 -9.69 -28.31
N GLU C 106 -18.45 -9.67 -29.55
CA GLU C 106 -17.82 -10.38 -30.65
C GLU C 106 -16.42 -9.85 -30.93
N ASN C 107 -16.13 -8.61 -30.53
CA ASN C 107 -14.85 -7.98 -30.76
C ASN C 107 -13.82 -8.29 -29.68
N ILE C 108 -14.25 -8.73 -28.50
CA ILE C 108 -13.32 -9.08 -27.43
C ILE C 108 -12.69 -10.43 -27.77
N LYS C 109 -11.37 -10.47 -27.80
CA LYS C 109 -10.64 -11.67 -28.18
C LYS C 109 -9.64 -12.03 -27.09
N ARG C 110 -9.43 -13.34 -26.90
CA ARG C 110 -8.55 -13.83 -25.86
C ARG C 110 -7.10 -13.66 -26.32
N LYS C 111 -6.21 -13.40 -25.37
CA LYS C 111 -4.81 -13.20 -25.75
C LYS C 111 -4.15 -14.44 -26.35
N VAL C 112 -3.18 -14.17 -27.23
CA VAL C 112 -2.43 -15.14 -28.00
C VAL C 112 -1.66 -16.12 -27.11
N HIS D 6 25.11 20.36 -6.57
CA HIS D 6 24.47 21.08 -7.68
C HIS D 6 23.59 22.22 -7.16
N HIS D 7 23.18 22.16 -5.90
CA HIS D 7 22.17 23.04 -5.32
C HIS D 7 22.81 24.04 -4.37
N VAL D 8 22.44 25.32 -4.54
CA VAL D 8 22.91 26.38 -3.63
C VAL D 8 22.09 26.34 -2.36
N PRO D 9 22.72 26.25 -1.18
CA PRO D 9 21.97 26.13 0.08
C PRO D 9 21.04 27.32 0.31
N ALA D 10 19.96 27.04 1.07
CA ALA D 10 18.93 28.04 1.31
C ALA D 10 19.49 29.32 1.93
N PHE D 11 20.49 29.20 2.79
CA PHE D 11 20.97 30.39 3.50
C PHE D 11 21.44 31.46 2.52
N LEU D 12 22.19 31.06 1.48
CA LEU D 12 22.77 32.05 0.59
C LEU D 12 21.73 32.64 -0.35
N THR D 13 20.78 31.81 -0.81
CA THR D 13 19.70 32.33 -1.64
C THR D 13 18.83 33.29 -0.85
N LYS D 14 18.51 32.94 0.40
CA LYS D 14 17.72 33.82 1.24
C LYS D 14 18.49 35.09 1.59
N LEU D 15 19.77 34.97 1.92
CA LEU D 15 20.54 36.17 2.26
C LEU D 15 20.68 37.10 1.07
N TRP D 16 20.98 36.56 -0.12
CA TRP D 16 21.12 37.40 -1.31
C TRP D 16 19.82 38.15 -1.61
N THR D 17 18.69 37.44 -1.55
CA THR D 17 17.38 38.07 -1.71
C THR D 17 17.13 39.11 -0.60
N LEU D 18 17.51 38.78 0.63
CA LEU D 18 17.28 39.65 1.78
C LEU D 18 18.02 40.99 1.62
N VAL D 19 19.29 40.92 1.23
CA VAL D 19 20.07 42.14 1.06
C VAL D 19 19.52 42.96 -0.10
N SER D 20 19.19 42.30 -1.20
CA SER D 20 18.76 42.97 -2.43
C SER D 20 17.39 43.62 -2.30
N ASP D 21 16.51 43.07 -1.47
CA ASP D 21 15.14 43.57 -1.36
C ASP D 21 15.14 45.04 -0.95
N PRO D 22 14.66 45.95 -1.81
CA PRO D 22 14.67 47.37 -1.45
C PRO D 22 13.74 47.71 -0.31
N ASP D 23 12.76 46.86 -0.01
CA ASP D 23 11.85 47.12 1.09
C ASP D 23 12.54 46.96 2.45
N THR D 24 13.63 46.20 2.53
CA THR D 24 14.35 45.99 3.78
C THR D 24 15.59 46.89 3.91
N ASP D 25 15.87 47.74 2.91
CA ASP D 25 17.13 48.48 2.86
C ASP D 25 17.38 49.39 4.06
N ALA D 26 16.35 49.74 4.83
CA ALA D 26 16.59 50.56 6.01
C ALA D 26 17.32 49.81 7.11
N LEU D 27 17.27 48.48 7.07
CA LEU D 27 17.90 47.61 8.03
C LEU D 27 19.03 46.75 7.44
N ILE D 28 18.93 46.38 6.17
CA ILE D 28 19.96 45.56 5.54
C ILE D 28 20.00 45.91 4.07
N CYS D 29 21.18 46.24 3.58
CA CYS D 29 21.33 46.71 2.21
C CYS D 29 22.78 46.50 1.78
N TRP D 30 22.99 46.60 0.48
CA TRP D 30 24.33 46.57 -0.09
C TRP D 30 25.10 47.84 0.25
N SER D 31 26.43 47.74 0.25
CA SER D 31 27.27 48.92 0.27
C SER D 31 27.18 49.61 -1.09
N PRO D 32 27.60 50.88 -1.18
CA PRO D 32 27.55 51.56 -2.49
C PRO D 32 28.26 50.80 -3.61
N SER D 33 29.43 50.23 -3.34
CA SER D 33 30.13 49.43 -4.34
C SER D 33 29.48 48.06 -4.57
N GLY D 34 28.65 47.60 -3.64
CA GLY D 34 28.00 46.32 -3.80
C GLY D 34 28.87 45.11 -3.53
N ASN D 35 30.00 45.30 -2.84
CA ASN D 35 30.92 44.23 -2.51
C ASN D 35 30.76 43.74 -1.09
N SER D 36 29.80 44.32 -0.37
CA SER D 36 29.55 43.99 1.03
C SER D 36 28.13 44.43 1.35
N PHE D 37 27.64 44.02 2.50
CA PHE D 37 26.32 44.44 2.92
C PHE D 37 26.36 44.93 4.37
N HIS D 38 25.44 45.82 4.69
CA HIS D 38 25.36 46.46 6.00
C HIS D 38 24.07 46.05 6.69
N VAL D 39 24.15 45.89 8.01
CA VAL D 39 22.99 45.70 8.86
C VAL D 39 22.95 46.89 9.81
N PHE D 40 21.87 47.66 9.76
CA PHE D 40 21.66 48.79 10.66
C PHE D 40 20.63 48.40 11.72
N ASP D 41 20.90 48.80 12.96
CA ASP D 41 20.03 48.49 14.08
C ASP D 41 19.80 46.98 14.19
N GLN D 42 20.80 46.28 14.74
CA GLN D 42 20.76 44.82 14.85
C GLN D 42 19.51 44.34 15.56
N GLY D 43 19.11 45.05 16.62
CA GLY D 43 17.93 44.65 17.37
C GLY D 43 16.67 44.60 16.52
N GLN D 44 16.43 45.67 15.75
CA GLN D 44 15.23 45.67 14.93
C GLN D 44 15.34 44.70 13.77
N PHE D 45 16.54 44.53 13.22
CA PHE D 45 16.73 43.59 12.13
C PHE D 45 16.47 42.15 12.57
N ALA D 46 17.02 41.78 13.72
CA ALA D 46 16.86 40.41 14.22
C ALA D 46 15.41 40.13 14.59
N LYS D 47 14.69 41.12 15.11
CA LYS D 47 13.35 40.85 15.61
C LYS D 47 12.30 40.86 14.50
N GLU D 48 12.52 41.64 13.45
CA GLU D 48 11.55 41.86 12.37
C GLU D 48 11.88 41.15 11.08
N VAL D 49 13.16 41.10 10.71
CA VAL D 49 13.54 40.62 9.39
C VAL D 49 13.91 39.14 9.42
N LEU D 50 14.81 38.76 10.33
CA LEU D 50 15.28 37.38 10.39
C LEU D 50 14.17 36.34 10.46
N PRO D 51 13.14 36.48 11.32
CA PRO D 51 12.11 35.42 11.38
C PRO D 51 11.26 35.32 10.12
N LYS D 52 11.35 36.25 9.18
CA LYS D 52 10.62 36.10 7.92
C LYS D 52 11.36 35.25 6.91
N TYR D 53 12.64 34.96 7.15
CA TYR D 53 13.43 34.14 6.25
C TYR D 53 13.95 32.87 6.90
N PHE D 54 14.23 32.89 8.20
CA PHE D 54 14.81 31.77 8.91
C PHE D 54 13.92 31.37 10.09
N LYS D 55 14.27 30.24 10.70
CA LYS D 55 13.52 29.69 11.84
C LYS D 55 14.05 30.23 13.16
N HIS D 56 14.36 31.52 13.23
CA HIS D 56 14.89 32.16 14.43
C HIS D 56 14.81 33.67 14.27
N ASN D 57 15.10 34.38 15.36
CA ASN D 57 15.21 35.84 15.34
C ASN D 57 16.45 36.28 16.11
N ASN D 58 17.54 35.52 16.01
CA ASN D 58 18.77 35.78 16.75
C ASN D 58 19.85 36.24 15.78
N MET D 59 20.46 37.37 16.08
CA MET D 59 21.57 37.83 15.25
C MET D 59 22.75 36.89 15.38
N ALA D 60 22.94 36.29 16.56
CA ALA D 60 24.05 35.36 16.76
C ALA D 60 23.94 34.17 15.82
N SER D 61 22.74 33.68 15.60
CA SER D 61 22.58 32.54 14.71
C SER D 61 22.79 32.94 13.26
N PHE D 62 22.44 34.18 12.91
CA PHE D 62 22.73 34.72 11.59
C PHE D 62 24.23 34.91 11.39
N VAL D 63 24.89 35.50 12.40
CA VAL D 63 26.35 35.66 12.35
C VAL D 63 27.06 34.32 12.29
N ARG D 64 26.58 33.33 13.06
CA ARG D 64 27.22 32.02 13.01
C ARG D 64 27.18 31.45 11.61
N GLN D 65 26.05 31.61 10.91
CA GLN D 65 25.96 31.11 9.53
C GLN D 65 26.86 31.89 8.58
N LEU D 66 26.99 33.20 8.79
CA LEU D 66 27.88 33.99 7.96
C LEU D 66 29.29 33.40 7.99
N ASN D 67 29.77 33.04 9.18
CA ASN D 67 31.11 32.45 9.27
C ASN D 67 31.15 31.06 8.68
N MET D 68 30.05 30.29 8.79
CA MET D 68 30.04 28.97 8.18
C MET D 68 30.21 29.04 6.67
N TYR D 69 29.78 30.14 6.06
CA TYR D 69 29.89 30.31 4.61
C TYR D 69 31.09 31.14 4.23
N GLY D 70 32.01 31.38 5.17
CA GLY D 70 33.23 32.09 4.86
C GLY D 70 33.10 33.59 4.81
N PHE D 71 31.98 34.15 5.26
CA PHE D 71 31.88 35.60 5.35
C PHE D 71 32.80 36.12 6.43
N ARG D 72 33.21 37.34 6.22
CA ARG D 72 34.31 37.98 6.89
C ARG D 72 33.78 39.34 7.37
N LYS D 73 33.94 39.63 8.67
CA LYS D 73 33.40 40.88 9.21
C LYS D 73 34.35 42.02 8.89
N VAL D 74 33.82 43.11 8.36
CA VAL D 74 34.62 44.28 8.04
C VAL D 74 34.66 45.21 9.25
N VAL D 75 35.87 45.63 9.63
CA VAL D 75 36.10 46.45 10.80
C VAL D 75 36.04 47.91 10.43
N HIS D 76 35.34 48.70 11.25
CA HIS D 76 35.16 50.12 11.03
C HIS D 76 36.05 50.94 11.97
N ILE D 77 36.52 52.08 11.48
CA ILE D 77 37.40 52.97 12.24
C ILE D 77 36.64 53.59 13.42
N ASP D 88 23.56 51.43 15.05
CA ASP D 88 24.72 50.55 14.86
C ASP D 88 24.87 50.15 13.40
N ASP D 89 26.10 49.79 13.03
CA ASP D 89 26.44 49.43 11.66
C ASP D 89 27.32 48.19 11.68
N THR D 90 26.82 47.10 11.10
CA THR D 90 27.56 45.85 11.00
C THR D 90 27.71 45.50 9.53
N GLU D 91 28.96 45.32 9.09
CA GLU D 91 29.28 45.06 7.69
C GLU D 91 29.98 43.71 7.54
N PHE D 92 29.52 42.92 6.58
CA PHE D 92 30.10 41.62 6.25
C PHE D 92 30.37 41.53 4.76
N GLN D 93 31.32 40.68 4.38
CA GLN D 93 31.74 40.62 3.00
C GLN D 93 32.14 39.20 2.60
N HIS D 94 31.85 38.83 1.35
CA HIS D 94 32.40 37.63 0.75
C HIS D 94 32.65 37.97 -0.72
N PRO D 95 33.81 37.59 -1.26
CA PRO D 95 34.13 37.95 -2.65
C PRO D 95 33.13 37.43 -3.67
N CYS D 96 32.38 36.37 -3.35
CA CYS D 96 31.39 35.82 -4.27
C CYS D 96 29.98 36.21 -3.88
N PHE D 97 29.83 37.22 -3.02
CA PHE D 97 28.54 37.77 -2.62
C PHE D 97 28.48 39.21 -3.11
N LEU D 98 28.06 39.40 -4.35
CA LEU D 98 28.13 40.72 -4.97
C LEU D 98 26.77 41.13 -5.52
N ARG D 99 26.49 42.43 -5.42
CA ARG D 99 25.28 43.00 -5.97
C ARG D 99 25.18 42.71 -7.47
N GLY D 100 24.02 42.18 -7.88
CA GLY D 100 23.73 41.89 -9.27
C GLY D 100 24.34 40.65 -9.87
N GLN D 101 24.97 39.77 -9.07
CA GLN D 101 25.63 38.58 -9.60
C GLN D 101 25.26 37.35 -8.77
N GLU D 102 23.97 37.06 -8.75
CA GLU D 102 23.44 35.95 -7.97
C GLU D 102 24.07 34.62 -8.37
N GLN D 103 24.52 34.48 -9.61
CA GLN D 103 25.12 33.22 -10.03
C GLN D 103 26.42 32.94 -9.29
N LEU D 104 27.04 33.96 -8.68
CA LEU D 104 28.31 33.74 -7.99
C LEU D 104 28.15 32.92 -6.71
N LEU D 105 26.92 32.79 -6.21
CA LEU D 105 26.70 31.99 -5.00
C LEU D 105 27.14 30.54 -5.19
N GLU D 106 27.33 30.08 -6.43
CA GLU D 106 27.80 28.72 -6.66
C GLU D 106 29.16 28.51 -6.02
N ASN D 107 29.95 29.57 -5.90
CA ASN D 107 31.32 29.45 -5.45
C ASN D 107 31.46 29.51 -3.93
N ILE D 108 30.46 30.06 -3.25
CA ILE D 108 30.46 30.02 -1.80
C ILE D 108 30.05 28.62 -1.39
N LYS D 109 30.92 27.93 -0.67
CA LYS D 109 30.73 26.56 -0.23
C LYS D 109 30.81 26.56 1.30
N ARG D 110 29.95 25.78 1.92
CA ARG D 110 29.88 25.82 3.37
C ARG D 110 30.94 24.92 3.97
N LYS D 111 31.48 25.35 5.12
CA LYS D 111 32.55 24.62 5.80
C LYS D 111 32.02 23.28 6.30
N VAL D 112 32.89 22.27 6.30
CA VAL D 112 32.48 20.91 6.69
C VAL D 112 32.64 20.71 8.19
N VAL E 8 38.12 40.48 43.62
CA VAL E 8 37.07 39.99 42.71
C VAL E 8 37.06 40.85 41.44
N PRO E 9 37.11 40.19 40.28
CA PRO E 9 37.22 40.95 39.01
C PRO E 9 36.06 41.91 38.81
N ALA E 10 36.33 42.96 38.03
CA ALA E 10 35.34 44.01 37.81
C ALA E 10 34.03 43.45 37.24
N PHE E 11 34.11 42.42 36.41
CA PHE E 11 32.91 41.94 35.75
C PHE E 11 31.88 41.46 36.77
N LEU E 12 32.32 40.74 37.81
CA LEU E 12 31.37 40.17 38.77
C LEU E 12 30.77 41.25 39.67
N THR E 13 31.58 42.22 40.11
CA THR E 13 31.02 43.32 40.90
C THR E 13 30.10 44.21 40.07
N LYS E 14 30.47 44.50 38.82
CA LYS E 14 29.57 45.26 37.96
C LYS E 14 28.31 44.47 37.64
N LEU E 15 28.45 43.17 37.37
CA LEU E 15 27.27 42.35 37.09
C LEU E 15 26.34 42.32 38.28
N TRP E 16 26.90 42.15 39.49
CA TRP E 16 26.09 42.20 40.70
C TRP E 16 25.34 43.52 40.84
N THR E 17 26.05 44.64 40.66
CA THR E 17 25.41 45.95 40.81
C THR E 17 24.30 46.15 39.78
N LEU E 18 24.58 45.81 38.52
CA LEU E 18 23.58 46.04 37.47
C LEU E 18 22.36 45.13 37.65
N VAL E 19 22.57 43.86 38.04
CA VAL E 19 21.43 42.98 38.27
C VAL E 19 20.61 43.46 39.46
N SER E 20 21.27 43.80 40.56
CA SER E 20 20.57 44.18 41.79
C SER E 20 19.85 45.52 41.67
N ASP E 21 20.34 46.42 40.82
CA ASP E 21 19.81 47.77 40.70
C ASP E 21 18.33 47.76 40.35
N PRO E 22 17.45 48.32 41.19
CA PRO E 22 16.01 48.33 40.86
C PRO E 22 15.62 49.22 39.68
N ASP E 23 16.48 50.15 39.24
CA ASP E 23 16.19 50.92 38.02
C ASP E 23 16.26 50.08 36.75
N THR E 24 17.01 48.97 36.76
CA THR E 24 17.16 48.18 35.54
C THR E 24 16.23 46.98 35.51
N ASP E 25 15.43 46.77 36.57
CA ASP E 25 14.65 45.54 36.70
C ASP E 25 13.70 45.30 35.53
N ALA E 26 13.38 46.34 34.74
CA ALA E 26 12.61 46.12 33.53
C ALA E 26 13.45 45.44 32.44
N LEU E 27 14.78 45.57 32.49
CA LEU E 27 15.64 44.96 31.49
C LEU E 27 16.51 43.83 32.04
N ILE E 28 16.91 43.90 33.32
CA ILE E 28 17.70 42.84 33.94
C ILE E 28 17.39 42.84 35.43
N CYS E 29 17.07 41.66 35.96
CA CYS E 29 16.71 41.54 37.36
C CYS E 29 16.93 40.10 37.80
N TRP E 30 16.93 39.91 39.13
CA TRP E 30 17.01 38.57 39.70
C TRP E 30 15.72 37.81 39.44
N SER E 31 15.83 36.49 39.39
CA SER E 31 14.64 35.66 39.40
C SER E 31 14.02 35.70 40.79
N PRO E 32 12.74 35.31 40.92
CA PRO E 32 12.13 35.29 42.25
C PRO E 32 12.93 34.51 43.29
N SER E 33 13.51 33.36 42.93
CA SER E 33 14.30 32.60 43.89
C SER E 33 15.61 33.29 44.25
N GLY E 34 16.09 34.18 43.40
CA GLY E 34 17.37 34.82 43.66
C GLY E 34 18.57 33.98 43.34
N ASN E 35 18.40 32.91 42.57
CA ASN E 35 19.50 32.03 42.14
C ASN E 35 19.84 32.18 40.67
N SER E 36 19.22 33.14 39.97
CA SER E 36 19.49 33.37 38.57
C SER E 36 19.03 34.78 38.25
N PHE E 37 19.39 35.26 37.06
CA PHE E 37 18.96 36.57 36.61
C PHE E 37 18.46 36.48 35.18
N HIS E 38 17.56 37.40 34.84
CA HIS E 38 16.91 37.45 33.54
C HIS E 38 17.32 38.72 32.81
N VAL E 39 17.41 38.61 31.49
CA VAL E 39 17.60 39.76 30.61
C VAL E 39 16.39 39.83 29.69
N PHE E 40 15.64 40.92 29.78
CA PHE E 40 14.49 41.13 28.92
C PHE E 40 14.87 42.15 27.85
N ASP E 41 14.47 41.88 26.62
CA ASP E 41 14.76 42.79 25.51
C ASP E 41 16.25 43.10 25.41
N GLN E 42 16.99 42.17 24.81
CA GLN E 42 18.43 42.30 24.70
C GLN E 42 18.81 43.59 24.00
N GLY E 43 18.03 44.00 23.00
CA GLY E 43 18.37 45.19 22.23
C GLY E 43 18.51 46.44 23.08
N GLN E 44 17.50 46.75 23.89
CA GLN E 44 17.61 47.95 24.72
C GLN E 44 18.59 47.75 25.87
N PHE E 45 18.73 46.51 26.35
CA PHE E 45 19.69 46.25 27.41
C PHE E 45 21.11 46.51 26.92
N ALA E 46 21.48 45.95 25.77
CA ALA E 46 22.83 46.15 25.27
C ALA E 46 23.08 47.61 24.92
N LYS E 47 22.07 48.29 24.38
CA LYS E 47 22.26 49.64 23.89
C LYS E 47 22.14 50.69 25.01
N GLU E 48 21.42 50.39 26.10
CA GLU E 48 21.18 51.32 27.20
C GLU E 48 21.97 51.00 28.47
N VAL E 49 22.13 49.73 28.83
CA VAL E 49 22.68 49.35 30.14
C VAL E 49 24.17 49.03 30.08
N LEU E 50 24.57 48.14 29.16
CA LEU E 50 25.96 47.70 29.05
C LEU E 50 26.97 48.84 28.96
N PRO E 51 26.78 49.88 28.12
CA PRO E 51 27.78 50.96 28.08
C PRO E 51 27.84 51.79 29.36
N LYS E 52 26.92 51.62 30.29
CA LYS E 52 27.01 52.30 31.57
C LYS E 52 27.99 51.61 32.51
N TYR E 53 28.36 50.37 32.22
CA TYR E 53 29.26 49.59 33.06
C TYR E 53 30.51 49.10 32.35
N PHE E 54 30.44 48.82 31.06
CA PHE E 54 31.56 48.28 30.29
C PHE E 54 31.88 49.21 29.12
N LYS E 55 33.02 48.95 28.49
CA LYS E 55 33.48 49.72 27.34
C LYS E 55 32.95 49.19 26.02
N HIS E 56 31.68 48.79 25.99
CA HIS E 56 31.04 48.26 24.79
C HIS E 56 29.54 48.32 24.98
N ASN E 57 28.81 48.02 23.92
CA ASN E 57 27.36 47.90 23.95
C ASN E 57 26.92 46.66 23.20
N ASN E 58 27.70 45.59 23.31
CA ASN E 58 27.44 44.35 22.58
C ASN E 58 26.98 43.27 23.54
N MET E 59 25.83 42.66 23.22
CA MET E 59 25.36 41.57 24.04
C MET E 59 26.23 40.34 23.87
N ALA E 60 26.80 40.13 22.68
CA ALA E 60 27.68 38.99 22.47
C ALA E 60 28.91 39.07 23.38
N SER E 61 29.41 40.29 23.61
CA SER E 61 30.57 40.46 24.48
C SER E 61 30.19 40.30 25.94
N PHE E 62 28.96 40.64 26.30
CA PHE E 62 28.46 40.37 27.64
C PHE E 62 28.30 38.87 27.85
N VAL E 63 27.70 38.18 26.87
CA VAL E 63 27.50 36.74 26.98
C VAL E 63 28.84 36.00 26.99
N ARG E 64 29.79 36.45 26.17
CA ARG E 64 31.10 35.79 26.18
C ARG E 64 31.72 35.82 27.57
N GLN E 65 31.57 36.94 28.27
CA GLN E 65 32.09 37.03 29.62
C GLN E 65 31.33 36.14 30.59
N LEU E 66 30.00 36.06 30.44
CA LEU E 66 29.20 35.18 31.29
C LEU E 66 29.71 33.75 31.22
N ASN E 67 29.93 33.25 30.00
CA ASN E 67 30.47 31.90 29.84
C ASN E 67 31.91 31.80 30.32
N MET E 68 32.68 32.88 30.21
CA MET E 68 34.05 32.88 30.71
C MET E 68 34.08 32.69 32.22
N TYR E 69 33.06 33.16 32.94
CA TYR E 69 32.99 33.02 34.39
C TYR E 69 32.12 31.83 34.80
N GLY E 70 31.82 30.94 33.87
CA GLY E 70 31.10 29.72 34.20
C GLY E 70 29.60 29.88 34.33
N PHE E 71 29.06 31.03 33.98
CA PHE E 71 27.60 31.14 33.95
C PHE E 71 27.10 30.28 32.82
N ARG E 72 25.90 29.75 32.99
CA ARG E 72 25.28 28.93 31.98
C ARG E 72 23.88 29.44 31.75
N LYS E 73 23.41 29.27 30.52
CA LYS E 73 22.09 29.74 30.14
C LYS E 73 21.03 28.75 30.64
N VAL E 74 19.97 29.26 31.25
CA VAL E 74 18.84 28.42 31.66
C VAL E 74 17.90 28.36 30.46
N VAL E 75 17.59 27.14 29.99
CA VAL E 75 16.75 26.97 28.80
C VAL E 75 15.30 26.79 29.24
N HIS E 76 14.38 27.48 28.58
CA HIS E 76 12.97 27.45 28.92
C HIS E 76 12.18 26.59 27.93
N ILE E 77 11.21 25.83 28.43
CA ILE E 77 10.41 24.97 27.59
C ILE E 77 9.67 25.77 26.52
N GLU E 78 9.36 27.04 26.81
CA GLU E 78 8.57 27.86 25.89
C GLU E 78 9.40 28.31 24.69
N GLN E 79 10.71 28.41 24.85
CA GLN E 79 11.58 28.73 23.72
C GLN E 79 11.70 27.53 22.79
N GLY E 80 11.92 27.81 21.51
CA GLY E 80 12.19 26.77 20.54
C GLY E 80 11.06 26.42 19.61
N GLY E 81 9.90 27.07 19.74
CA GLY E 81 8.81 26.89 18.81
C GLY E 81 8.81 27.97 17.72
N LEU E 82 7.95 27.77 16.73
CA LEU E 82 7.79 28.79 15.70
C LEU E 82 7.10 30.02 16.27
N VAL E 83 6.12 29.80 17.15
CA VAL E 83 5.39 30.87 17.81
C VAL E 83 6.25 31.35 18.98
N LYS E 84 6.95 32.46 18.79
CA LYS E 84 7.74 33.05 19.87
C LYS E 84 6.84 33.79 20.84
N PRO E 85 6.97 33.57 22.16
CA PRO E 85 6.19 34.32 23.15
C PRO E 85 6.97 35.48 23.75
N ASP E 88 10.35 37.79 25.18
CA ASP E 88 11.82 37.79 25.11
C ASP E 88 12.38 37.67 26.51
N ASP E 89 13.05 36.55 26.79
CA ASP E 89 13.52 36.25 28.14
C ASP E 89 14.74 35.34 28.07
N THR E 90 15.88 35.85 28.52
CA THR E 90 17.14 35.11 28.59
C THR E 90 17.55 35.02 30.05
N GLU E 91 17.79 33.81 30.53
CA GLU E 91 18.11 33.57 31.93
C GLU E 91 19.49 32.93 32.04
N PHE E 92 20.31 33.44 32.98
CA PHE E 92 21.64 32.91 33.25
C PHE E 92 21.79 32.59 34.73
N GLN E 93 22.65 31.62 35.04
CA GLN E 93 22.80 31.17 36.40
C GLN E 93 24.26 30.78 36.67
N HIS E 94 24.68 30.99 37.90
CA HIS E 94 25.90 30.47 38.47
C HIS E 94 25.60 30.06 39.91
N PRO E 95 26.10 28.90 40.35
CA PRO E 95 25.80 28.45 41.72
C PRO E 95 26.23 29.41 42.81
N CYS E 96 27.24 30.25 42.56
CA CYS E 96 27.71 31.23 43.54
C CYS E 96 27.28 32.65 43.21
N PHE E 97 26.29 32.82 42.33
CA PHE E 97 25.76 34.14 42.02
C PHE E 97 24.32 34.19 42.53
N LEU E 98 24.18 34.53 43.82
CA LEU E 98 22.90 34.43 44.49
C LEU E 98 22.54 35.74 45.15
N ARG E 99 21.27 36.12 45.03
CA ARG E 99 20.78 37.33 45.68
C ARG E 99 21.01 37.24 47.18
N GLY E 100 21.54 38.32 47.76
CA GLY E 100 21.81 38.41 49.18
C GLY E 100 23.07 37.73 49.63
N GLN E 101 23.93 37.29 48.70
CA GLN E 101 25.15 36.58 49.05
C GLN E 101 26.32 37.16 48.25
N GLU E 102 26.51 38.49 48.36
CA GLU E 102 27.54 39.17 47.60
C GLU E 102 28.94 38.64 47.91
N GLN E 103 29.16 38.15 49.14
CA GLN E 103 30.48 37.63 49.49
C GLN E 103 30.82 36.36 48.71
N LEU E 104 29.81 35.67 48.17
CA LEU E 104 30.11 34.45 47.42
C LEU E 104 30.81 34.71 46.10
N LEU E 105 30.83 35.95 45.61
CA LEU E 105 31.54 36.22 44.36
C LEU E 105 33.01 35.86 44.45
N GLU E 106 33.56 35.69 45.66
CA GLU E 106 34.95 35.24 45.76
C GLU E 106 35.16 33.88 45.13
N ASN E 107 34.12 33.06 45.08
CA ASN E 107 34.24 31.68 44.63
C ASN E 107 34.14 31.54 43.13
N ILE E 108 33.60 32.53 42.44
CA ILE E 108 33.55 32.50 40.99
C ILE E 108 34.94 32.79 40.48
N LYS E 109 35.50 31.86 39.73
CA LYS E 109 36.84 32.04 39.19
C LYS E 109 36.76 31.90 37.67
N ARG E 110 37.47 32.77 36.97
CA ARG E 110 37.38 32.86 35.53
C ARG E 110 38.24 31.78 34.87
N LYS E 111 37.76 31.24 33.75
CA LYS E 111 38.52 30.20 33.06
C LYS E 111 39.79 30.74 32.43
N VAL E 112 40.81 29.88 32.38
CA VAL E 112 42.11 30.25 31.84
C VAL E 112 42.35 29.64 30.47
N HIS F 7 22.22 17.69 29.93
CA HIS F 7 21.02 17.08 30.51
C HIS F 7 20.22 16.31 29.45
N VAL F 8 18.90 16.29 29.62
CA VAL F 8 17.95 15.69 28.69
C VAL F 8 17.71 16.62 27.52
N PRO F 9 17.88 16.17 26.27
CA PRO F 9 17.67 17.05 25.12
C PRO F 9 16.26 17.62 25.08
N ALA F 10 16.13 18.81 24.46
CA ALA F 10 14.85 19.50 24.45
C ALA F 10 13.74 18.65 23.82
N PHE F 11 14.04 17.86 22.79
CA PHE F 11 12.99 17.11 22.12
C PHE F 11 12.29 16.18 23.09
N LEU F 12 13.03 15.52 23.97
CA LEU F 12 12.40 14.54 24.85
C LEU F 12 11.58 15.21 25.93
N THR F 13 12.07 16.32 26.48
CA THR F 13 11.30 17.03 27.48
C THR F 13 10.02 17.60 26.87
N LYS F 14 10.13 18.16 25.66
CA LYS F 14 8.96 18.70 24.99
C LYS F 14 7.99 17.60 24.63
N LEU F 15 8.49 16.47 24.14
CA LEU F 15 7.59 15.38 23.79
C LEU F 15 6.88 14.83 25.02
N TRP F 16 7.60 14.63 26.12
CA TRP F 16 6.95 14.18 27.35
C TRP F 16 5.89 15.18 27.80
N THR F 17 6.22 16.48 27.77
CA THR F 17 5.25 17.51 28.10
C THR F 17 4.08 17.49 27.14
N LEU F 18 4.37 17.30 25.86
CA LEU F 18 3.35 17.31 24.82
C LEU F 18 2.36 16.18 25.01
N VAL F 19 2.86 14.97 25.28
CA VAL F 19 1.97 13.83 25.49
C VAL F 19 1.18 14.01 26.79
N SER F 20 1.85 14.42 27.86
CA SER F 20 1.20 14.51 29.16
C SER F 20 0.15 15.61 29.23
N ASP F 21 0.30 16.69 28.44
CA ASP F 21 -0.62 17.82 28.50
C ASP F 21 -2.05 17.37 28.21
N PRO F 22 -2.98 17.50 29.17
CA PRO F 22 -4.36 17.07 28.91
C PRO F 22 -5.10 17.92 27.90
N ASP F 23 -4.65 19.14 27.63
CA ASP F 23 -5.31 19.98 26.64
C ASP F 23 -5.11 19.48 25.22
N THR F 24 -4.06 18.69 24.98
CA THR F 24 -3.73 18.15 23.66
C THR F 24 -4.24 16.74 23.46
N ASP F 25 -4.88 16.13 24.46
CA ASP F 25 -5.24 14.71 24.43
C ASP F 25 -6.14 14.35 23.27
N ALA F 26 -6.81 15.32 22.65
CA ALA F 26 -7.59 15.02 21.45
C ALA F 26 -6.68 14.70 20.26
N LEU F 27 -5.44 15.16 20.28
CA LEU F 27 -4.49 14.93 19.19
C LEU F 27 -3.29 14.08 19.58
N ILE F 28 -2.85 14.13 20.83
CA ILE F 28 -1.72 13.31 21.27
C ILE F 28 -1.86 13.03 22.76
N CYS F 29 -1.82 11.75 23.13
CA CYS F 29 -2.01 11.38 24.53
C CYS F 29 -1.41 10.01 24.77
N TRP F 30 -1.26 9.69 26.05
CA TRP F 30 -0.78 8.38 26.44
C TRP F 30 -1.83 7.31 26.14
N SER F 31 -1.36 6.10 25.91
CA SER F 31 -2.26 4.97 25.89
C SER F 31 -2.72 4.68 27.32
N PRO F 32 -3.82 3.94 27.48
CA PRO F 32 -4.26 3.57 28.84
C PRO F 32 -3.17 2.94 29.70
N SER F 33 -2.27 2.13 29.12
CA SER F 33 -1.17 1.56 29.92
C SER F 33 -0.14 2.62 30.29
N GLY F 34 -0.04 3.68 29.51
CA GLY F 34 0.98 4.68 29.71
C GLY F 34 2.35 4.25 29.23
N ASN F 35 2.43 3.18 28.45
CA ASN F 35 3.69 2.69 27.91
C ASN F 35 3.88 3.03 26.44
N SER F 36 2.95 3.77 25.86
CA SER F 36 3.01 4.19 24.47
C SER F 36 2.14 5.43 24.36
N PHE F 37 2.27 6.14 23.24
CA PHE F 37 1.45 7.33 23.03
C PHE F 37 0.88 7.30 21.62
N HIS F 38 -0.24 7.97 21.46
CA HIS F 38 -0.98 7.99 20.22
C HIS F 38 -0.96 9.39 19.62
N VAL F 39 -0.95 9.44 18.29
CA VAL F 39 -1.13 10.66 17.53
C VAL F 39 -2.39 10.50 16.69
N PHE F 40 -3.39 11.34 16.94
CA PHE F 40 -4.64 11.35 16.20
C PHE F 40 -4.70 12.54 15.26
N ASP F 41 -5.20 12.30 14.04
CA ASP F 41 -5.31 13.35 13.02
C ASP F 41 -3.98 14.04 12.82
N GLN F 42 -3.07 13.38 12.10
CA GLN F 42 -1.73 13.91 11.90
C GLN F 42 -1.76 15.31 11.30
N GLY F 43 -2.70 15.55 10.38
CA GLY F 43 -2.80 16.86 9.76
C GLY F 43 -3.00 17.99 10.75
N GLN F 44 -4.00 17.85 11.63
CA GLN F 44 -4.25 18.89 12.63
C GLN F 44 -3.18 18.91 13.71
N PHE F 45 -2.56 17.77 14.01
CA PHE F 45 -1.49 17.75 14.99
C PHE F 45 -0.28 18.53 14.49
N ALA F 46 0.13 18.28 13.24
CA ALA F 46 1.25 19.01 12.66
C ALA F 46 0.91 20.49 12.51
N LYS F 47 -0.34 20.81 12.23
CA LYS F 47 -0.61 22.22 11.95
C LYS F 47 -0.83 23.03 13.23
N GLU F 48 -1.36 22.50 14.34
CA GLU F 48 -1.38 23.36 15.53
C GLU F 48 -0.29 23.02 16.54
N VAL F 49 0.00 21.75 16.74
CA VAL F 49 0.71 21.41 17.95
C VAL F 49 2.21 21.53 17.76
N LEU F 50 2.73 20.93 16.69
CA LEU F 50 4.18 20.97 16.43
C LEU F 50 4.75 22.39 16.45
N PRO F 51 4.19 23.39 15.76
CA PRO F 51 4.85 24.71 15.77
C PRO F 51 4.80 25.41 17.12
N LYS F 52 4.02 24.92 18.07
CA LYS F 52 4.03 25.53 19.38
C LYS F 52 5.21 25.06 20.21
N TYR F 53 5.87 23.97 19.81
CA TYR F 53 7.00 23.39 20.53
C TYR F 53 8.28 23.36 19.71
N PHE F 54 8.19 23.22 18.38
CA PHE F 54 9.34 23.09 17.50
C PHE F 54 9.34 24.17 16.43
N LYS F 55 10.46 24.29 15.71
CA LYS F 55 10.62 25.28 14.65
C LYS F 55 10.14 24.75 13.32
N HIS F 56 9.02 24.03 13.33
CA HIS F 56 8.44 23.46 12.12
C HIS F 56 7.01 23.04 12.44
N ASN F 57 6.28 22.67 11.39
CA ASN F 57 4.93 22.13 11.49
C ASN F 57 4.83 20.88 10.64
N ASN F 58 5.90 20.08 10.62
CA ASN F 58 6.06 19.02 9.66
C ASN F 58 5.99 17.72 10.47
N MET F 59 5.07 16.80 10.13
CA MET F 59 5.07 15.54 10.85
C MET F 59 6.29 14.69 10.48
N ALA F 60 6.77 14.79 9.25
CA ALA F 60 7.94 14.01 8.86
C ALA F 60 9.16 14.38 9.71
N SER F 61 9.31 15.66 10.06
CA SER F 61 10.44 16.05 10.91
C SER F 61 10.23 15.60 12.35
N PHE F 62 8.98 15.55 12.79
CA PHE F 62 8.69 15.00 14.11
C PHE F 62 9.00 13.51 14.15
N VAL F 63 8.56 12.76 13.13
CA VAL F 63 8.85 11.33 13.05
C VAL F 63 10.35 11.08 12.93
N ARG F 64 11.06 11.91 12.16
CA ARG F 64 12.50 11.73 12.03
C ARG F 64 13.17 11.80 13.40
N GLN F 65 12.75 12.75 14.23
CA GLN F 65 13.32 12.85 15.56
C GLN F 65 12.94 11.65 16.41
N LEU F 66 11.70 11.17 16.27
CA LEU F 66 11.32 9.95 16.97
C LEU F 66 12.28 8.81 16.63
N ASN F 67 12.63 8.67 15.34
CA ASN F 67 13.57 7.61 14.97
C ASN F 67 14.97 7.92 15.49
N MET F 68 15.39 9.19 15.55
CA MET F 68 16.70 9.52 16.08
C MET F 68 16.83 9.15 17.55
N TYR F 69 15.72 9.12 18.28
CA TYR F 69 15.78 8.77 19.68
C TYR F 69 15.36 7.33 19.95
N GLY F 70 15.24 6.51 18.90
CA GLY F 70 14.96 5.10 19.04
C GLY F 70 13.51 4.72 19.19
N PHE F 71 12.58 5.64 19.02
CA PHE F 71 11.16 5.31 19.03
C PHE F 71 10.81 4.59 17.73
N ARG F 72 9.83 3.71 17.82
CA ARG F 72 9.22 3.06 16.67
C ARG F 72 7.75 2.82 16.87
N LYS F 73 7.09 2.65 15.73
CA LYS F 73 5.66 2.50 15.59
C LYS F 73 5.26 1.09 15.98
N VAL F 74 4.22 0.97 16.77
CA VAL F 74 3.67 -0.33 17.12
C VAL F 74 2.57 -0.69 16.11
N VAL F 75 2.65 -1.90 15.55
CA VAL F 75 1.70 -2.34 14.55
C VAL F 75 0.56 -3.11 15.21
N ASP F 89 -4.80 6.23 16.21
CA ASP F 89 -4.53 6.23 14.78
C ASP F 89 -3.09 5.76 14.55
N THR F 90 -2.12 6.54 15.05
CA THR F 90 -0.70 6.19 14.96
C THR F 90 -0.13 6.09 16.36
N GLU F 91 0.47 4.96 16.68
CA GLU F 91 0.94 4.69 18.03
C GLU F 91 2.45 4.52 18.00
N PHE F 92 3.14 5.16 18.96
CA PHE F 92 4.59 5.14 19.09
C PHE F 92 4.99 4.66 20.48
N GLN F 93 6.18 4.09 20.58
CA GLN F 93 6.62 3.50 21.83
C GLN F 93 8.13 3.62 21.96
N HIS F 94 8.59 3.81 23.20
CA HIS F 94 9.99 3.69 23.56
C HIS F 94 10.03 3.06 24.95
N PRO F 95 10.91 2.08 25.17
CA PRO F 95 10.93 1.41 26.48
C PRO F 95 11.13 2.35 27.66
N CYS F 96 11.81 3.49 27.46
CA CYS F 96 12.07 4.44 28.53
C CYS F 96 11.19 5.70 28.43
N PHE F 97 10.11 5.64 27.67
CA PHE F 97 9.17 6.75 27.54
C PHE F 97 7.84 6.28 28.15
N LEU F 98 7.70 6.46 29.46
CA LEU F 98 6.57 5.89 30.19
C LEU F 98 5.88 6.96 31.04
N ARG F 99 4.55 6.92 31.03
CA ARG F 99 3.76 7.83 31.87
C ARG F 99 4.10 7.63 33.34
N GLY F 100 4.35 8.74 34.03
CA GLY F 100 4.68 8.68 35.43
C GLY F 100 6.12 8.34 35.72
N GLN F 101 7.00 8.30 34.71
CA GLN F 101 8.40 7.94 34.89
C GLN F 101 9.26 8.92 34.12
N GLU F 102 9.08 10.22 34.40
CA GLU F 102 9.80 11.23 33.65
C GLU F 102 11.30 11.10 33.80
N GLN F 103 11.77 10.58 34.94
CA GLN F 103 13.20 10.43 35.15
C GLN F 103 13.85 9.46 34.18
N LEU F 104 13.07 8.57 33.55
CA LEU F 104 13.64 7.63 32.60
C LEU F 104 14.07 8.29 31.30
N LEU F 105 13.65 9.53 31.04
CA LEU F 105 14.10 10.19 29.81
C LEU F 105 15.61 10.36 29.79
N GLU F 106 16.27 10.32 30.95
CA GLU F 106 17.73 10.42 31.00
C GLU F 106 18.41 9.27 30.30
N ASN F 107 17.72 8.11 30.20
CA ASN F 107 18.29 6.92 29.59
C ASN F 107 18.14 6.89 28.07
N ILE F 108 17.25 7.70 27.52
CA ILE F 108 17.09 7.82 26.07
C ILE F 108 18.22 8.66 25.51
N LYS F 109 18.92 8.13 24.54
CA LYS F 109 20.10 8.75 23.96
C LYS F 109 19.95 8.86 22.45
N ARG F 110 20.44 9.95 21.90
CA ARG F 110 20.27 10.25 20.49
C ARG F 110 21.27 9.47 19.64
N LYS F 111 20.84 9.07 18.44
CA LYS F 111 21.70 8.21 17.64
C LYS F 111 22.93 9.01 17.17
N VAL F 112 24.02 8.30 16.91
CA VAL F 112 25.34 8.84 16.54
C VAL F 112 25.96 9.58 17.74
NA NA K . -26.07 -7.58 -12.02
NA NA L . 17.54 44.96 1.35
#